data_8A8L
#
_entry.id   8A8L
#
_cell.length_a   80.770
_cell.length_b   108.169
_cell.length_c   105.250
_cell.angle_alpha   90.000
_cell.angle_beta   90.000
_cell.angle_gamma   90.000
#
_symmetry.space_group_name_H-M   'C 2 2 21'
#
loop_
_entity.id
_entity.type
_entity.pdbx_description
1 polymer 'Cytochrome P450 protein'
2 non-polymer 'PROTOPORPHYRIN IX CONTAINING FE'
3 non-polymer 'NITRATE ION'
4 non-polymer GLYCEROL
5 non-polymer 6-methoxy-2,3,4,9-tetrahydro-1H-pyrido[3,4-b]indole
6 water water
#
_entity_poly.entity_id   1
_entity_poly.type   'polypeptide(L)'
_entity_poly.pdbx_seq_one_letter_code
;GSLKVYNSIFDQAYEIDPIPYFNFLRKHDPVHYEESIDAYFVSKYKDVKYILKNNDIFNTKTLAKRAEPVMKDRVLAQMS
GQEHKSKKKAILKGMTGKYLENLMPILEKRTNDIINKHIEKKEIDIVNDFGKVFAVQSSMDLLGINLENYEKIREWHNGI
AKFITSFNLNDEEIKYSLECSDKLENYLMPLIKDRKKSTKDDLISILLEYKNDENSISDTEILALSLNVLLAATEPVDKT
LAYLFYNLLKNPEQFESVKNNPKLIKNAIIETLRYNSPVQLIPRQVSKPFIFNNTELQAGDTVICMIGSANRDPEAYSNP
DEFNIHRSSDNKSPFTSHSQNLSFGTGVHTCVGASFSLIQLEMVAILLLKRLKNIKLKTMEITEHGIYTRGPKSMVISFD
;
_entity_poly.pdbx_strand_id   A
#
loop_
_chem_comp.id
_chem_comp.type
_chem_comp.name
_chem_comp.formula
GOL non-polymer GLYCEROL 'C3 H8 O3'
HEM non-polymer 'PROTOPORPHYRIN IX CONTAINING FE' 'C34 H32 Fe N4 O4'
LBJ non-polymer 6-methoxy-2,3,4,9-tetrahydro-1H-pyrido[3,4-b]indole 'C12 H14 N2 O'
NO3 non-polymer 'NITRATE ION' 'N O3 -1'
#
# COMPACT_ATOMS: atom_id res chain seq x y z
N LEU A 3 -24.53 23.80 9.31
CA LEU A 3 -23.49 24.70 8.80
C LEU A 3 -22.84 24.10 7.56
N LYS A 4 -22.97 24.82 6.43
CA LYS A 4 -22.43 24.32 5.17
CA LYS A 4 -22.43 24.32 5.17
C LYS A 4 -20.91 24.44 5.17
N VAL A 5 -20.26 23.39 4.65
CA VAL A 5 -18.82 23.38 4.41
C VAL A 5 -18.61 23.29 2.90
N TYR A 6 -17.57 23.96 2.41
CA TYR A 6 -17.38 24.11 0.98
C TYR A 6 -16.11 23.45 0.46
N ASN A 7 -15.22 23.02 1.34
CA ASN A 7 -14.04 22.26 0.96
C ASN A 7 -14.39 20.77 1.04
N SER A 8 -14.16 20.05 -0.05
CA SER A 8 -14.58 18.65 -0.15
C SER A 8 -13.43 17.82 -0.69
N ILE A 9 -13.23 16.64 -0.08
CA ILE A 9 -12.24 15.66 -0.53
C ILE A 9 -12.43 15.37 -1.99
N PHE A 10 -13.66 15.45 -2.46
CA PHE A 10 -14.01 15.09 -3.82
C PHE A 10 -14.01 16.28 -4.76
N ASP A 11 -13.61 17.46 -4.29
CA ASP A 11 -13.28 18.53 -5.23
C ASP A 11 -12.21 18.06 -6.21
N GLN A 12 -12.29 18.53 -7.46
CA GLN A 12 -11.27 18.18 -8.46
C GLN A 12 -9.89 18.62 -8.02
N ALA A 13 -9.82 19.72 -7.27
CA ALA A 13 -8.52 20.23 -6.86
C ALA A 13 -7.82 19.28 -5.90
N TYR A 14 -8.58 18.50 -5.12
CA TYR A 14 -7.93 17.70 -4.07
C TYR A 14 -7.04 16.65 -4.68
N GLU A 15 -7.55 15.93 -5.68
CA GLU A 15 -6.78 14.85 -6.26
C GLU A 15 -5.55 15.41 -6.95
N ILE A 16 -5.62 16.66 -7.40
CA ILE A 16 -4.49 17.25 -8.10
C ILE A 16 -3.41 17.65 -7.12
N ASP A 17 -3.81 18.31 -6.02
CA ASP A 17 -2.87 18.68 -4.95
C ASP A 17 -3.64 18.68 -3.61
N PRO A 18 -3.50 17.61 -2.84
CA PRO A 18 -4.28 17.54 -1.59
C PRO A 18 -3.64 18.27 -0.42
N ILE A 19 -2.41 18.77 -0.55
CA ILE A 19 -1.72 19.34 0.60
C ILE A 19 -2.50 20.53 1.15
N PRO A 20 -2.94 21.49 0.36
CA PRO A 20 -3.76 22.57 0.94
C PRO A 20 -4.97 22.08 1.71
N TYR A 21 -5.56 20.97 1.26
CA TYR A 21 -6.68 20.37 1.97
C TYR A 21 -6.20 19.78 3.29
N PHE A 22 -5.06 19.06 3.30
CA PHE A 22 -4.58 18.54 4.59
C PHE A 22 -4.44 19.68 5.60
N ASN A 23 -3.81 20.78 5.18
CA ASN A 23 -3.58 21.92 6.08
C ASN A 23 -4.89 22.51 6.59
N PHE A 24 -5.85 22.65 5.70
CA PHE A 24 -7.12 23.22 6.09
C PHE A 24 -7.87 22.32 7.07
N LEU A 25 -7.95 21.04 6.75
CA LEU A 25 -8.73 20.11 7.55
C LEU A 25 -8.12 19.96 8.93
N ARG A 26 -6.79 19.85 9.02
CA ARG A 26 -6.20 19.67 10.34
C ARG A 26 -6.45 20.89 11.21
N LYS A 27 -6.42 22.06 10.60
CA LYS A 27 -6.56 23.30 11.35
C LYS A 27 -8.01 23.63 11.66
N HIS A 28 -8.92 23.39 10.71
CA HIS A 28 -10.29 23.88 10.85
C HIS A 28 -11.34 22.79 10.86
N ASP A 29 -11.05 21.56 10.47
CA ASP A 29 -12.11 20.56 10.48
C ASP A 29 -11.50 19.17 10.60
N PRO A 30 -10.92 18.83 11.75
CA PRO A 30 -10.10 17.60 11.83
C PRO A 30 -10.90 16.35 11.65
N VAL A 31 -12.22 16.40 11.83
CA VAL A 31 -13.09 15.23 11.69
C VAL A 31 -14.22 15.69 10.77
N HIS A 32 -14.02 15.53 9.46
CA HIS A 32 -14.71 16.29 8.42
C HIS A 32 -15.69 15.40 7.66
N TYR A 33 -16.99 15.76 7.71
CA TYR A 33 -18.02 14.91 7.14
C TYR A 33 -18.14 15.09 5.64
N GLU A 34 -18.22 13.97 4.90
CA GLU A 34 -18.46 13.96 3.46
C GLU A 34 -19.79 13.25 3.21
N GLU A 35 -20.82 13.99 2.82
CA GLU A 35 -22.13 13.36 2.69
C GLU A 35 -22.21 12.43 1.49
N SER A 36 -21.38 12.62 0.47
CA SER A 36 -21.48 11.80 -0.72
C SER A 36 -21.12 10.33 -0.47
N ILE A 37 -20.37 10.02 0.59
CA ILE A 37 -20.11 8.63 0.97
C ILE A 37 -20.42 8.38 2.44
N ASP A 38 -21.11 9.33 3.07
CA ASP A 38 -21.54 9.22 4.46
C ASP A 38 -20.40 8.75 5.37
N ALA A 39 -19.32 9.51 5.36
CA ALA A 39 -18.14 9.15 6.14
C ALA A 39 -17.42 10.41 6.60
N TYR A 40 -16.67 10.29 7.70
CA TYR A 40 -15.88 11.39 8.26
C TYR A 40 -14.40 11.17 7.97
N PHE A 41 -13.71 12.20 7.54
CA PHE A 41 -12.29 12.12 7.24
C PHE A 41 -11.47 12.71 8.39
N VAL A 42 -10.53 11.93 8.89
CA VAL A 42 -9.73 12.28 10.05
C VAL A 42 -8.31 12.60 9.61
N SER A 43 -7.88 13.86 9.84
CA SER A 43 -6.66 14.39 9.26
C SER A 43 -5.47 14.56 10.20
N LYS A 44 -5.68 14.54 11.51
CA LYS A 44 -4.59 14.84 12.40
C LYS A 44 -3.90 13.56 12.84
N TYR A 45 -2.58 13.65 13.04
CA TYR A 45 -1.79 12.50 13.46
C TYR A 45 -2.35 11.88 14.74
N LYS A 46 -2.59 12.71 15.75
CA LYS A 46 -2.95 12.14 17.05
C LYS A 46 -4.31 11.44 17.01
N ASP A 47 -5.25 11.93 16.20
CA ASP A 47 -6.55 11.26 16.06
C ASP A 47 -6.45 9.98 15.21
N VAL A 48 -5.71 10.03 14.11
CA VAL A 48 -5.50 8.80 13.32
C VAL A 48 -4.85 7.72 14.18
N LYS A 49 -3.80 8.09 14.89
CA LYS A 49 -3.10 7.11 15.71
C LYS A 49 -4.06 6.50 16.73
N TYR A 50 -4.81 7.35 17.42
CA TYR A 50 -5.77 6.88 18.41
C TYR A 50 -6.78 5.93 17.78
N ILE A 51 -7.29 6.29 16.60
CA ILE A 51 -8.28 5.44 15.96
C ILE A 51 -7.67 4.07 15.66
N LEU A 52 -6.48 4.07 15.07
CA LEU A 52 -5.88 2.81 14.63
C LEU A 52 -5.44 1.94 15.80
N LYS A 53 -5.07 2.60 16.90
CA LYS A 53 -4.66 1.88 18.10
C LYS A 53 -5.83 1.29 18.87
N ASN A 54 -7.06 1.70 18.60
CA ASN A 54 -8.21 1.28 19.38
C ASN A 54 -9.13 0.48 18.45
N ASN A 55 -8.77 -0.79 18.22
CA ASN A 55 -9.49 -1.67 17.32
C ASN A 55 -10.86 -2.04 17.85
N ASP A 56 -11.09 -1.91 19.16
CA ASP A 56 -12.41 -2.24 19.70
C ASP A 56 -13.41 -1.11 19.46
N ILE A 57 -12.96 0.14 19.52
CA ILE A 57 -13.89 1.25 19.32
C ILE A 57 -14.10 1.50 17.84
N PHE A 58 -13.03 1.39 17.04
CA PHE A 58 -13.05 1.58 15.58
C PHE A 58 -12.64 0.28 14.92
N ASN A 59 -13.62 -0.48 14.43
CA ASN A 59 -13.42 -1.84 13.93
C ASN A 59 -13.27 -1.85 12.42
N THR A 60 -12.97 -3.02 11.89
CA THR A 60 -12.68 -3.19 10.48
C THR A 60 -13.86 -3.78 9.72
N LYS A 61 -15.08 -3.65 10.25
CA LYS A 61 -16.25 -4.22 9.58
C LYS A 61 -16.62 -3.48 8.31
N THR A 62 -16.08 -2.30 8.07
CA THR A 62 -16.35 -1.57 6.83
C THR A 62 -15.72 -2.26 5.62
N LEU A 63 -14.71 -3.10 5.84
CA LEU A 63 -14.00 -3.76 4.76
C LEU A 63 -14.70 -5.02 4.28
N ALA A 64 -15.91 -5.30 4.79
CA ALA A 64 -16.65 -6.49 4.37
C ALA A 64 -17.52 -6.26 3.16
N LYS A 65 -17.82 -5.00 2.82
CA LYS A 65 -18.53 -4.68 1.60
C LYS A 65 -17.69 -3.86 0.63
N ARG A 66 -16.64 -3.18 1.10
CA ARG A 66 -15.71 -2.49 0.23
C ARG A 66 -14.72 -3.42 -0.45
N ALA A 67 -14.64 -4.67 0.01
CA ALA A 67 -13.62 -5.60 -0.49
C ALA A 67 -14.13 -7.02 -0.66
N GLU A 68 -14.78 -7.56 0.36
CA GLU A 68 -15.22 -8.95 0.32
C GLU A 68 -15.95 -9.33 -0.98
N PRO A 69 -16.81 -8.48 -1.56
CA PRO A 69 -17.49 -8.87 -2.80
C PRO A 69 -16.54 -9.34 -3.89
N VAL A 70 -15.33 -8.78 -3.97
CA VAL A 70 -14.36 -9.22 -4.98
C VAL A 70 -13.32 -10.16 -4.42
N MET A 71 -13.21 -10.29 -3.10
CA MET A 71 -12.17 -11.12 -2.50
C MET A 71 -12.61 -12.56 -2.35
N LYS A 72 -13.92 -12.83 -2.43
CA LYS A 72 -14.53 -14.14 -2.45
C LYS A 72 -14.61 -14.77 -1.04
N ASP A 73 -13.94 -14.21 -0.04
CA ASP A 73 -14.02 -14.73 1.32
C ASP A 73 -13.39 -13.68 2.26
N ARG A 74 -13.24 -14.05 3.52
CA ARG A 74 -12.77 -13.11 4.53
C ARG A 74 -11.30 -12.80 4.32
N VAL A 75 -10.96 -11.51 4.34
CA VAL A 75 -9.56 -11.09 4.33
C VAL A 75 -9.01 -10.97 5.75
N LEU A 76 -7.69 -10.83 5.86
CA LEU A 76 -7.07 -10.78 7.18
C LEU A 76 -7.64 -9.64 8.01
N ALA A 77 -7.85 -8.47 7.41
CA ALA A 77 -8.25 -7.29 8.17
C ALA A 77 -9.61 -7.44 8.79
N GLN A 78 -10.44 -8.37 8.30
CA GLN A 78 -11.75 -8.62 8.88
C GLN A 78 -11.72 -9.53 10.09
N MET A 79 -10.59 -10.14 10.41
CA MET A 79 -10.49 -11.11 11.49
C MET A 79 -9.98 -10.46 12.76
N SER A 80 -10.09 -11.17 13.88
CA SER A 80 -9.64 -10.65 15.16
C SER A 80 -9.22 -11.81 16.04
N GLY A 81 -8.71 -11.48 17.22
CA GLY A 81 -8.40 -12.52 18.20
C GLY A 81 -7.29 -13.46 17.74
N GLN A 82 -7.34 -14.69 18.26
CA GLN A 82 -6.32 -15.67 17.94
CA GLN A 82 -6.33 -15.70 17.94
C GLN A 82 -6.27 -15.96 16.44
N GLU A 83 -7.44 -15.95 15.78
CA GLU A 83 -7.47 -16.24 14.36
C GLU A 83 -6.64 -15.23 13.57
N HIS A 84 -6.90 -13.95 13.80
CA HIS A 84 -6.14 -12.92 13.12
C HIS A 84 -4.66 -13.06 13.44
N LYS A 85 -4.34 -13.28 14.71
CA LYS A 85 -2.94 -13.34 15.12
C LYS A 85 -2.21 -14.48 14.42
N SER A 86 -2.83 -15.66 14.40
CA SER A 86 -2.17 -16.87 13.89
C SER A 86 -2.07 -16.83 12.38
N LYS A 87 -3.12 -16.32 11.72
CA LYS A 87 -3.08 -16.24 10.26
C LYS A 87 -2.19 -15.11 9.78
N LYS A 88 -2.15 -14.01 10.51
CA LYS A 88 -1.16 -13.00 10.20
C LYS A 88 0.25 -13.58 10.34
N LYS A 89 0.52 -14.35 11.40
CA LYS A 89 1.82 -14.99 11.55
C LYS A 89 2.15 -15.93 10.38
N ALA A 90 1.15 -16.69 9.92
CA ALA A 90 1.37 -17.56 8.77
C ALA A 90 1.79 -16.77 7.54
N ILE A 91 1.14 -15.63 7.28
CA ILE A 91 1.51 -14.82 6.12
C ILE A 91 2.93 -14.29 6.29
N LEU A 92 3.23 -13.76 7.49
CA LEU A 92 4.58 -13.24 7.75
C LEU A 92 5.62 -14.32 7.48
N LYS A 93 5.33 -15.55 7.87
CA LYS A 93 6.27 -16.65 7.65
C LYS A 93 6.76 -16.74 6.20
N GLY A 94 5.87 -16.42 5.24
CA GLY A 94 6.19 -16.51 3.82
C GLY A 94 7.14 -15.44 3.33
N MET A 95 7.43 -14.46 4.15
CA MET A 95 8.32 -13.36 3.76
C MET A 95 9.35 -13.10 4.84
N THR A 96 9.63 -14.12 5.64
CA THR A 96 10.65 -14.08 6.67
C THR A 96 11.46 -15.37 6.63
N GLY A 97 12.47 -15.44 7.47
CA GLY A 97 13.22 -16.68 7.60
C GLY A 97 13.74 -17.24 6.27
N LYS A 98 13.65 -18.56 6.11
CA LYS A 98 14.17 -19.20 4.91
C LYS A 98 13.39 -18.77 3.67
N TYR A 99 12.09 -18.54 3.82
CA TYR A 99 11.32 -18.09 2.67
C TYR A 99 11.86 -16.78 2.13
N LEU A 100 12.24 -15.87 3.02
CA LEU A 100 12.82 -14.60 2.60
C LEU A 100 14.16 -14.81 1.95
N GLU A 101 15.01 -15.64 2.57
CA GLU A 101 16.31 -15.93 1.98
C GLU A 101 16.17 -16.42 0.54
N ASN A 102 15.17 -17.25 0.28
CA ASN A 102 15.01 -17.84 -1.05
C ASN A 102 14.47 -16.81 -2.04
N LEU A 103 13.60 -15.95 -1.54
CA LEU A 103 12.85 -15.05 -2.37
C LEU A 103 13.73 -13.94 -2.90
N MET A 104 14.57 -13.37 -2.03
CA MET A 104 15.30 -12.17 -2.39
C MET A 104 16.16 -12.34 -3.62
N PRO A 105 16.91 -13.44 -3.79
CA PRO A 105 17.65 -13.61 -5.05
C PRO A 105 16.75 -13.65 -6.27
N ILE A 106 15.56 -14.24 -6.13
CA ILE A 106 14.59 -14.24 -7.21
C ILE A 106 14.17 -12.81 -7.51
N LEU A 107 13.91 -12.02 -6.48
CA LEU A 107 13.54 -10.63 -6.72
C LEU A 107 14.69 -9.88 -7.35
N GLU A 108 15.92 -10.22 -6.98
CA GLU A 108 17.05 -9.63 -7.67
C GLU A 108 17.03 -9.98 -9.16
N LYS A 109 16.78 -11.25 -9.49
CA LYS A 109 16.64 -11.65 -10.89
CA LYS A 109 16.64 -11.65 -10.89
C LYS A 109 15.56 -10.82 -11.60
N ARG A 110 14.39 -10.68 -10.97
CA ARG A 110 13.31 -9.89 -11.57
C ARG A 110 13.79 -8.50 -11.92
N THR A 111 14.51 -7.88 -10.98
CA THR A 111 14.99 -6.51 -11.11
C THR A 111 15.98 -6.40 -12.26
N ASN A 112 16.98 -7.27 -12.29
CA ASN A 112 17.98 -7.17 -13.34
C ASN A 112 17.41 -7.51 -14.70
N ASP A 113 16.46 -8.44 -14.77
CA ASP A 113 15.84 -8.72 -16.07
C ASP A 113 15.14 -7.48 -16.61
N ILE A 114 14.44 -6.76 -15.73
CA ILE A 114 13.77 -5.56 -16.22
C ILE A 114 14.80 -4.53 -16.65
N ILE A 115 15.82 -4.33 -15.83
CA ILE A 115 16.90 -3.41 -16.19
C ILE A 115 17.48 -3.76 -17.54
N ASN A 116 17.76 -5.04 -17.75
CA ASN A 116 18.40 -5.47 -18.97
C ASN A 116 17.56 -5.20 -20.20
N LYS A 117 16.24 -5.19 -20.03
CA LYS A 117 15.36 -4.88 -21.16
C LYS A 117 15.49 -3.45 -21.61
N HIS A 118 15.91 -2.54 -20.72
CA HIS A 118 15.86 -1.10 -20.94
C HIS A 118 17.22 -0.45 -20.96
N ILE A 119 18.28 -1.17 -20.61
CA ILE A 119 19.56 -0.52 -20.36
C ILE A 119 20.13 0.14 -21.62
N GLU A 120 19.82 -0.38 -22.81
CA GLU A 120 20.37 0.24 -24.01
C GLU A 120 19.55 1.41 -24.52
N LYS A 121 18.30 1.56 -24.07
CA LYS A 121 17.49 2.71 -24.43
C LYS A 121 17.92 3.98 -23.70
N LYS A 122 18.68 3.88 -22.61
CA LYS A 122 19.26 5.00 -21.87
C LYS A 122 18.22 5.80 -21.10
N GLU A 123 17.06 5.22 -20.87
CA GLU A 123 16.03 5.82 -20.05
C GLU A 123 15.07 4.73 -19.63
N ILE A 124 14.31 5.01 -18.58
CA ILE A 124 13.35 4.05 -18.07
C ILE A 124 12.31 4.81 -17.27
N ASP A 125 11.09 4.32 -17.31
CA ASP A 125 9.95 4.90 -16.61
C ASP A 125 9.81 4.05 -15.34
N ILE A 126 10.22 4.64 -14.21
CA ILE A 126 10.19 3.86 -12.99
C ILE A 126 8.79 3.41 -12.69
N VAL A 127 7.78 4.14 -13.15
CA VAL A 127 6.39 3.71 -12.96
C VAL A 127 6.02 2.60 -13.96
N ASN A 128 6.02 2.94 -15.26
CA ASN A 128 5.40 2.09 -16.26
C ASN A 128 6.31 0.99 -16.77
N ASP A 129 7.63 1.16 -16.75
CA ASP A 129 8.55 0.16 -17.26
C ASP A 129 9.00 -0.77 -16.13
N PHE A 130 9.34 -0.18 -14.99
CA PHE A 130 9.86 -0.98 -13.90
C PHE A 130 8.80 -1.34 -12.86
N GLY A 131 8.28 -0.33 -12.16
CA GLY A 131 7.47 -0.59 -10.98
C GLY A 131 6.26 -1.47 -11.25
N LYS A 132 5.49 -1.14 -12.28
CA LYS A 132 4.28 -1.92 -12.54
C LYS A 132 4.59 -3.35 -12.96
N VAL A 133 5.75 -3.59 -13.56
CA VAL A 133 6.15 -4.96 -13.89
C VAL A 133 6.69 -5.66 -12.66
N PHE A 134 7.71 -5.11 -12.03
CA PHE A 134 8.30 -5.70 -10.84
C PHE A 134 7.25 -5.99 -9.77
N ALA A 135 6.35 -5.04 -9.53
CA ALA A 135 5.48 -5.18 -8.36
C ALA A 135 4.62 -6.44 -8.44
N VAL A 136 4.07 -6.73 -9.61
CA VAL A 136 3.19 -7.89 -9.66
C VAL A 136 4.03 -9.17 -9.72
N GLN A 137 5.18 -9.13 -10.40
CA GLN A 137 6.06 -10.30 -10.45
C GLN A 137 6.54 -10.67 -9.06
N SER A 138 7.00 -9.68 -8.29
CA SER A 138 7.42 -9.92 -6.90
C SER A 138 6.29 -10.55 -6.08
N SER A 139 5.07 -10.05 -6.24
CA SER A 139 3.91 -10.60 -5.54
C SER A 139 3.65 -12.03 -5.94
N MET A 140 3.74 -12.32 -7.23
CA MET A 140 3.54 -13.69 -7.68
C MET A 140 4.67 -14.59 -7.20
N ASP A 141 5.91 -14.10 -7.14
CA ASP A 141 6.98 -14.95 -6.60
C ASP A 141 6.75 -15.24 -5.11
N LEU A 142 6.36 -14.22 -4.36
CA LEU A 142 6.05 -14.40 -2.95
C LEU A 142 5.01 -15.50 -2.76
N LEU A 143 3.95 -15.47 -3.58
CA LEU A 143 2.86 -16.43 -3.45
C LEU A 143 3.23 -17.80 -4.01
N GLY A 144 4.04 -17.85 -5.06
CA GLY A 144 4.31 -19.09 -5.74
C GLY A 144 3.56 -19.28 -7.04
N ILE A 145 3.14 -18.21 -7.66
CA ILE A 145 2.45 -18.27 -8.95
C ILE A 145 3.49 -18.09 -10.04
N ASN A 146 3.48 -18.99 -11.02
CA ASN A 146 4.49 -18.93 -12.07
C ASN A 146 4.19 -17.75 -12.99
N LEU A 147 5.25 -17.14 -13.50
CA LEU A 147 5.14 -15.87 -14.21
C LEU A 147 4.67 -15.98 -15.66
N GLU A 148 4.12 -17.12 -16.11
CA GLU A 148 3.83 -17.25 -17.55
C GLU A 148 2.66 -16.35 -17.94
N ASN A 149 1.58 -16.36 -17.14
CA ASN A 149 0.44 -15.49 -17.37
C ASN A 149 0.57 -14.17 -16.62
N TYR A 150 1.80 -13.71 -16.41
CA TYR A 150 2.04 -12.50 -15.64
C TYR A 150 1.20 -11.32 -16.12
N GLU A 151 1.08 -11.14 -17.43
CA GLU A 151 0.44 -9.91 -17.91
C GLU A 151 -1.04 -9.88 -17.59
N LYS A 152 -1.73 -11.02 -17.76
CA LYS A 152 -3.14 -11.09 -17.41
C LYS A 152 -3.34 -10.88 -15.90
N ILE A 153 -2.42 -11.40 -15.07
CA ILE A 153 -2.50 -11.14 -13.64
C ILE A 153 -2.51 -9.64 -13.37
N ARG A 154 -1.67 -8.88 -14.08
CA ARG A 154 -1.68 -7.43 -13.92
CA ARG A 154 -1.67 -7.43 -13.94
C ARG A 154 -3.06 -6.86 -14.23
N GLU A 155 -3.60 -7.21 -15.40
CA GLU A 155 -4.90 -6.68 -15.82
C GLU A 155 -5.95 -6.90 -14.75
N TRP A 156 -6.13 -8.16 -14.35
CA TRP A 156 -7.16 -8.46 -13.36
C TRP A 156 -6.87 -7.73 -12.06
N HIS A 157 -5.64 -7.83 -11.56
CA HIS A 157 -5.30 -7.10 -10.34
C HIS A 157 -5.83 -5.67 -10.40
N ASN A 158 -5.59 -5.00 -11.53
CA ASN A 158 -6.03 -3.62 -11.69
C ASN A 158 -7.53 -3.50 -11.52
N GLY A 159 -8.28 -4.47 -12.03
CA GLY A 159 -9.74 -4.42 -11.91
C GLY A 159 -10.23 -4.60 -10.48
N ILE A 160 -9.70 -5.59 -9.77
CA ILE A 160 -10.09 -5.75 -8.38
C ILE A 160 -9.67 -4.54 -7.55
N ALA A 161 -8.43 -4.07 -7.74
CA ALA A 161 -7.95 -2.90 -7.02
C ALA A 161 -8.90 -1.73 -7.17
N LYS A 162 -9.29 -1.42 -8.42
CA LYS A 162 -10.21 -0.31 -8.68
C LYS A 162 -11.45 -0.41 -7.79
N PHE A 163 -12.05 -1.60 -7.70
CA PHE A 163 -13.21 -1.77 -6.82
C PHE A 163 -12.87 -1.37 -5.38
N ILE A 164 -11.72 -1.79 -4.88
CA ILE A 164 -11.46 -1.58 -3.47
C ILE A 164 -11.07 -0.13 -3.20
N THR A 165 -10.47 0.56 -4.16
CA THR A 165 -9.89 1.87 -3.94
C THR A 165 -10.80 2.99 -4.38
N SER A 166 -12.03 2.69 -4.80
CA SER A 166 -12.91 3.67 -5.41
C SER A 166 -14.17 3.87 -4.56
N PHE A 167 -14.73 5.07 -4.69
CA PHE A 167 -15.99 5.42 -4.07
C PHE A 167 -17.05 5.60 -5.15
N ASN A 168 -18.25 5.08 -4.88
CA ASN A 168 -19.40 5.23 -5.75
C ASN A 168 -19.05 4.86 -7.20
N LEU A 169 -18.78 3.56 -7.37
CA LEU A 169 -18.54 2.99 -8.70
C LEU A 169 -19.88 2.76 -9.39
N ASN A 170 -19.91 3.01 -10.70
CA ASN A 170 -21.15 2.87 -11.47
C ASN A 170 -21.41 1.40 -11.76
N ASP A 171 -22.51 1.12 -12.45
CA ASP A 171 -22.94 -0.26 -12.67
C ASP A 171 -21.94 -1.02 -13.53
N GLU A 172 -21.38 -0.38 -14.57
CA GLU A 172 -20.50 -1.12 -15.49
C GLU A 172 -19.12 -1.35 -14.89
N GLU A 173 -18.61 -0.39 -14.11
CA GLU A 173 -17.32 -0.58 -13.47
C GLU A 173 -17.38 -1.74 -12.48
N ILE A 174 -18.46 -1.82 -11.69
CA ILE A 174 -18.61 -2.92 -10.73
C ILE A 174 -18.54 -4.27 -11.45
N LYS A 175 -19.22 -4.40 -12.59
CA LYS A 175 -19.27 -5.69 -13.25
C LYS A 175 -17.89 -6.11 -13.75
N TYR A 176 -17.13 -5.16 -14.32
CA TYR A 176 -15.79 -5.50 -14.78
C TYR A 176 -14.91 -5.97 -13.63
N SER A 177 -14.90 -5.22 -12.53
CA SER A 177 -14.14 -5.61 -11.35
C SER A 177 -14.49 -7.03 -10.93
N LEU A 178 -15.78 -7.36 -10.92
CA LEU A 178 -16.21 -8.71 -10.54
C LEU A 178 -15.78 -9.73 -11.58
N GLU A 179 -15.87 -9.38 -12.86
N GLU A 179 -15.83 -9.38 -12.87
CA GLU A 179 -15.32 -10.24 -13.91
CA GLU A 179 -15.32 -10.28 -13.90
C GLU A 179 -13.85 -10.54 -13.66
C GLU A 179 -13.83 -10.53 -13.71
N CYS A 180 -13.07 -9.49 -13.38
CA CYS A 180 -11.65 -9.69 -13.11
C CYS A 180 -11.45 -10.61 -11.89
N SER A 181 -12.27 -10.42 -10.85
CA SER A 181 -12.20 -11.27 -9.68
C SER A 181 -12.48 -12.73 -10.05
N ASP A 182 -13.45 -12.98 -10.91
CA ASP A 182 -13.78 -14.36 -11.29
C ASP A 182 -12.67 -14.97 -12.12
N LYS A 183 -12.13 -14.23 -13.09
CA LYS A 183 -11.02 -14.77 -13.87
C LYS A 183 -9.85 -15.13 -12.98
N LEU A 184 -9.51 -14.24 -12.04
CA LEU A 184 -8.43 -14.53 -11.09
C LEU A 184 -8.75 -15.74 -10.24
N GLU A 185 -9.98 -15.84 -9.75
CA GLU A 185 -10.42 -17.04 -9.05
C GLU A 185 -10.28 -18.28 -9.93
N ASN A 186 -10.69 -18.17 -11.20
CA ASN A 186 -10.65 -19.32 -12.10
C ASN A 186 -9.22 -19.75 -12.42
N TYR A 187 -8.29 -18.81 -12.43
CA TYR A 187 -6.88 -19.14 -12.66
C TYR A 187 -6.22 -19.71 -11.41
N LEU A 188 -6.49 -19.13 -10.24
CA LEU A 188 -5.75 -19.45 -9.03
C LEU A 188 -6.22 -20.73 -8.36
N MET A 189 -7.50 -21.04 -8.44
CA MET A 189 -8.01 -22.21 -7.71
C MET A 189 -7.31 -23.50 -8.15
N PRO A 190 -7.14 -23.78 -9.45
CA PRO A 190 -6.39 -25.00 -9.83
C PRO A 190 -4.99 -25.04 -9.25
N LEU A 191 -4.31 -23.89 -9.16
CA LEU A 191 -2.96 -23.87 -8.59
C LEU A 191 -2.99 -24.21 -7.11
N ILE A 192 -3.98 -23.68 -6.38
CA ILE A 192 -4.18 -24.10 -4.99
C ILE A 192 -4.43 -25.59 -4.91
N LYS A 193 -5.30 -26.11 -5.80
CA LYS A 193 -5.55 -27.55 -5.84
C LYS A 193 -4.27 -28.32 -6.13
N ASP A 194 -3.44 -27.81 -7.04
CA ASP A 194 -2.18 -28.47 -7.36
C ASP A 194 -1.21 -28.40 -6.18
N ARG A 195 -1.11 -27.23 -5.55
CA ARG A 195 -0.24 -27.11 -4.39
C ARG A 195 -0.71 -27.99 -3.24
N LYS A 196 -2.01 -28.29 -3.19
CA LYS A 196 -2.55 -29.15 -2.14
C LYS A 196 -1.90 -30.52 -2.17
N LYS A 197 -1.49 -30.98 -3.36
CA LYS A 197 -0.84 -32.30 -3.53
C LYS A 197 0.67 -32.09 -3.63
N SER A 198 1.11 -31.05 -4.32
CA SER A 198 2.55 -30.78 -4.55
C SER A 198 2.97 -29.60 -3.68
N THR A 199 3.11 -29.82 -2.37
CA THR A 199 3.46 -28.73 -1.42
C THR A 199 4.81 -28.15 -1.78
N LYS A 200 4.90 -26.84 -2.00
CA LYS A 200 6.13 -26.14 -2.32
C LYS A 200 6.51 -25.20 -1.19
N ASP A 201 7.67 -24.55 -1.33
CA ASP A 201 8.11 -23.56 -0.35
C ASP A 201 7.69 -22.17 -0.83
N ASP A 202 6.39 -21.90 -0.69
CA ASP A 202 5.83 -20.59 -0.97
C ASP A 202 4.67 -20.30 -0.02
N LEU A 203 4.11 -19.09 -0.13
CA LEU A 203 3.09 -18.68 0.80
C LEU A 203 1.79 -19.46 0.60
N ILE A 204 1.47 -19.83 -0.63
CA ILE A 204 0.27 -20.64 -0.88
C ILE A 204 0.36 -21.94 -0.12
N SER A 205 1.53 -22.59 -0.18
CA SER A 205 1.72 -23.85 0.54
C SER A 205 1.61 -23.63 2.05
N ILE A 206 2.16 -22.52 2.56
CA ILE A 206 2.01 -22.17 3.98
C ILE A 206 0.53 -22.14 4.35
N LEU A 207 -0.27 -21.47 3.53
CA LEU A 207 -1.69 -21.33 3.82
C LEU A 207 -2.40 -22.65 3.76
N LEU A 208 -1.94 -23.55 2.88
CA LEU A 208 -2.52 -24.88 2.82
C LEU A 208 -2.12 -25.71 4.04
N GLU A 209 -0.88 -25.56 4.51
CA GLU A 209 -0.37 -26.32 5.64
C GLU A 209 -0.84 -25.78 6.98
N TYR A 210 -1.46 -24.60 7.00
CA TYR A 210 -1.90 -23.97 8.23
C TYR A 210 -2.93 -24.87 8.93
N LYS A 211 -2.90 -24.90 10.27
CA LYS A 211 -3.87 -25.71 11.04
C LYS A 211 -4.34 -25.00 12.31
N ASN A 212 -5.62 -24.67 12.39
CA ASN A 212 -6.25 -24.11 13.60
C ASN A 212 -6.68 -25.28 14.49
N ASP A 213 -5.73 -26.00 15.09
CA ASP A 213 -6.02 -27.17 15.97
CA ASP A 213 -6.06 -27.11 15.91
C ASP A 213 -6.50 -28.34 15.11
N GLU A 214 -5.62 -28.91 14.29
CA GLU A 214 -5.96 -30.05 13.39
C GLU A 214 -7.06 -29.60 12.43
N ASN A 215 -7.33 -28.30 12.36
CA ASN A 215 -8.40 -27.74 11.51
C ASN A 215 -7.76 -26.89 10.42
N SER A 216 -7.88 -27.30 9.15
CA SER A 216 -7.33 -26.53 8.01
C SER A 216 -8.30 -25.40 7.69
N ILE A 217 -8.02 -24.60 6.67
CA ILE A 217 -8.94 -23.57 6.21
C ILE A 217 -9.37 -23.85 4.78
N SER A 218 -10.64 -23.51 4.49
CA SER A 218 -11.24 -23.86 3.21
C SER A 218 -10.42 -23.30 2.06
N ASP A 219 -10.53 -23.94 0.90
CA ASP A 219 -9.78 -23.51 -0.27
C ASP A 219 -10.16 -22.08 -0.65
N THR A 220 -11.45 -21.74 -0.51
CA THR A 220 -11.88 -20.38 -0.83
C THR A 220 -11.38 -19.38 0.21
N GLU A 221 -11.12 -19.83 1.44
CA GLU A 221 -10.45 -18.99 2.41
C GLU A 221 -9.00 -18.75 2.00
N ILE A 222 -8.34 -19.77 1.46
CA ILE A 222 -6.97 -19.59 1.00
C ILE A 222 -6.93 -18.69 -0.23
N LEU A 223 -7.96 -18.75 -1.08
CA LEU A 223 -8.00 -17.89 -2.25
C LEU A 223 -8.09 -16.44 -1.84
N ALA A 224 -8.97 -16.14 -0.88
CA ALA A 224 -9.15 -14.74 -0.45
C ALA A 224 -7.89 -14.21 0.18
N LEU A 225 -7.23 -15.04 1.00
CA LEU A 225 -5.99 -14.57 1.63
C LEU A 225 -4.92 -14.38 0.58
N SER A 226 -4.84 -15.29 -0.38
CA SER A 226 -3.91 -15.12 -1.49
C SER A 226 -4.23 -13.85 -2.27
N LEU A 227 -5.51 -13.62 -2.55
CA LEU A 227 -5.89 -12.39 -3.24
C LEU A 227 -5.57 -11.18 -2.38
N ASN A 228 -5.71 -11.32 -1.07
CA ASN A 228 -5.40 -10.25 -0.11
C ASN A 228 -3.92 -9.91 -0.22
N VAL A 229 -3.05 -10.89 -0.35
CA VAL A 229 -1.61 -10.65 -0.47
C VAL A 229 -1.27 -10.04 -1.82
N LEU A 230 -1.83 -10.59 -2.91
CA LEU A 230 -1.57 -10.04 -4.24
C LEU A 230 -1.93 -8.55 -4.29
N LEU A 231 -3.16 -8.22 -3.91
CA LEU A 231 -3.55 -6.81 -3.89
C LEU A 231 -2.66 -6.01 -2.95
N ALA A 232 -2.46 -6.52 -1.74
CA ALA A 232 -1.74 -5.73 -0.75
C ALA A 232 -0.32 -5.44 -1.21
N ALA A 233 0.39 -6.43 -1.74
CA ALA A 233 1.81 -6.21 -2.03
C ALA A 233 2.07 -5.47 -3.34
N THR A 234 1.22 -5.64 -4.36
CA THR A 234 1.46 -5.01 -5.66
C THR A 234 1.30 -3.49 -5.62
N GLU A 235 0.13 -3.00 -5.27
CA GLU A 235 -0.16 -1.57 -5.41
C GLU A 235 0.92 -0.64 -4.88
N PRO A 236 1.36 -0.78 -3.64
CA PRO A 236 2.23 0.26 -3.06
C PRO A 236 3.65 0.28 -3.53
N VAL A 237 4.08 -0.70 -4.35
CA VAL A 237 5.48 -0.85 -4.72
C VAL A 237 5.86 0.08 -5.83
N ASP A 238 5.14 0.02 -6.99
CA ASP A 238 5.43 0.96 -8.07
C ASP A 238 5.39 2.38 -7.54
N LYS A 239 4.38 2.71 -6.73
CA LYS A 239 4.21 4.09 -6.31
C LYS A 239 5.43 4.55 -5.52
N THR A 240 5.83 3.76 -4.53
CA THR A 240 6.86 4.20 -3.61
C THR A 240 8.21 4.30 -4.32
N LEU A 241 8.51 3.34 -5.20
CA LEU A 241 9.78 3.40 -5.93
C LEU A 241 9.84 4.67 -6.79
N ALA A 242 8.77 4.98 -7.48
CA ALA A 242 8.75 6.19 -8.30
C ALA A 242 8.97 7.42 -7.42
N TYR A 243 8.18 7.53 -6.36
CA TYR A 243 8.31 8.65 -5.43
C TYR A 243 9.71 8.76 -4.86
N LEU A 244 10.33 7.62 -4.52
CA LEU A 244 11.65 7.63 -3.94
C LEU A 244 12.67 8.28 -4.86
N PHE A 245 12.78 7.80 -6.11
CA PHE A 245 13.75 8.42 -7.02
C PHE A 245 13.36 9.84 -7.42
N TYR A 246 12.08 10.11 -7.64
CA TYR A 246 11.67 11.49 -7.88
C TYR A 246 12.15 12.43 -6.76
N ASN A 247 11.84 12.08 -5.51
CA ASN A 247 12.17 12.98 -4.40
C ASN A 247 13.68 13.14 -4.25
N LEU A 248 14.43 12.05 -4.46
CA LEU A 248 15.88 12.14 -4.38
C LEU A 248 16.43 13.04 -5.47
N LEU A 249 16.00 12.83 -6.72
CA LEU A 249 16.50 13.65 -7.82
C LEU A 249 16.07 15.12 -7.67
N LYS A 250 14.92 15.38 -7.04
CA LYS A 250 14.51 16.76 -6.80
C LYS A 250 15.30 17.42 -5.68
N ASN A 251 16.16 16.68 -4.99
CA ASN A 251 16.97 17.16 -3.88
C ASN A 251 18.38 16.64 -4.09
N PRO A 252 19.12 17.19 -5.05
CA PRO A 252 20.39 16.57 -5.45
C PRO A 252 21.38 16.32 -4.30
N GLU A 253 21.43 17.23 -3.32
CA GLU A 253 22.27 17.02 -2.14
C GLU A 253 21.95 15.69 -1.48
N GLN A 254 20.65 15.41 -1.26
CA GLN A 254 20.25 14.17 -0.60
C GLN A 254 20.50 12.96 -1.50
N PHE A 255 20.32 13.11 -2.82
CA PHE A 255 20.66 12.02 -3.71
C PHE A 255 22.14 11.65 -3.58
N GLU A 256 23.01 12.65 -3.55
CA GLU A 256 24.43 12.38 -3.41
C GLU A 256 24.74 11.74 -2.06
N SER A 257 24.15 12.27 -0.99
CA SER A 257 24.36 11.64 0.32
C SER A 257 24.07 10.15 0.25
N VAL A 258 23.01 9.76 -0.46
CA VAL A 258 22.65 8.36 -0.57
C VAL A 258 23.68 7.62 -1.40
N LYS A 259 24.15 8.25 -2.49
CA LYS A 259 25.18 7.64 -3.32
C LYS A 259 26.46 7.41 -2.53
N ASN A 260 26.84 8.38 -1.70
CA ASN A 260 28.08 8.28 -0.94
C ASN A 260 27.93 7.36 0.27
N ASN A 261 26.73 7.29 0.87
CA ASN A 261 26.47 6.43 2.02
C ASN A 261 25.25 5.58 1.70
N PRO A 262 25.45 4.39 1.12
CA PRO A 262 24.31 3.54 0.78
C PRO A 262 23.41 3.20 1.95
N LYS A 263 23.92 3.21 3.17
CA LYS A 263 23.04 2.86 4.29
C LYS A 263 21.92 3.87 4.48
N LEU A 264 22.02 5.06 3.89
CA LEU A 264 20.96 6.04 4.03
C LEU A 264 19.74 5.71 3.19
N ILE A 265 19.81 4.67 2.35
CA ILE A 265 18.70 4.32 1.48
C ILE A 265 17.47 3.95 2.29
N LYS A 266 17.67 3.21 3.38
CA LYS A 266 16.52 2.85 4.23
C LYS A 266 15.80 4.08 4.73
N ASN A 267 16.55 5.06 5.21
CA ASN A 267 15.92 6.26 5.74
C ASN A 267 15.23 7.04 4.64
N ALA A 268 15.77 7.00 3.43
CA ALA A 268 15.12 7.67 2.30
C ALA A 268 13.79 7.02 1.93
N ILE A 269 13.75 5.70 1.93
CA ILE A 269 12.48 5.00 1.71
C ILE A 269 11.46 5.35 2.81
N ILE A 270 11.87 5.28 4.08
CA ILE A 270 10.98 5.67 5.18
C ILE A 270 10.43 7.09 4.99
N GLU A 271 11.32 8.05 4.66
CA GLU A 271 10.88 9.43 4.48
C GLU A 271 9.99 9.56 3.27
N THR A 272 10.25 8.76 2.24
CA THR A 272 9.37 8.76 1.08
C THR A 272 7.97 8.30 1.47
N LEU A 273 7.91 7.22 2.25
CA LEU A 273 6.64 6.68 2.70
C LEU A 273 5.88 7.70 3.52
N ARG A 274 6.58 8.49 4.34
CA ARG A 274 5.95 9.55 5.14
C ARG A 274 5.46 10.70 4.26
N TYR A 275 6.37 11.21 3.41
CA TYR A 275 6.12 12.38 2.59
C TYR A 275 5.10 12.09 1.51
N ASN A 276 5.21 10.94 0.86
CA ASN A 276 4.33 10.61 -0.25
C ASN A 276 3.60 9.31 0.00
N SER A 277 2.87 9.26 1.10
CA SER A 277 2.21 8.04 1.58
C SER A 277 1.41 7.41 0.47
N PRO A 278 1.81 6.21 0.02
CA PRO A 278 1.13 5.62 -1.15
C PRO A 278 -0.20 5.00 -0.80
N VAL A 279 -0.43 4.61 0.44
CA VAL A 279 -1.76 4.22 0.89
C VAL A 279 -2.27 5.40 1.69
N GLN A 280 -3.26 6.12 1.18
CA GLN A 280 -3.67 7.43 1.70
C GLN A 280 -4.80 7.36 2.73
N LEU A 281 -5.63 6.35 2.64
CA LEU A 281 -6.86 6.26 3.41
C LEU A 281 -6.97 4.90 4.07
N ILE A 282 -7.41 4.91 5.32
CA ILE A 282 -7.73 3.69 6.04
C ILE A 282 -9.08 3.86 6.73
N PRO A 283 -10.11 3.16 6.30
CA PRO A 283 -11.43 3.30 6.94
C PRO A 283 -11.59 2.39 8.15
N ARG A 284 -12.46 2.86 9.05
CA ARG A 284 -12.89 2.11 10.22
C ARG A 284 -14.36 2.42 10.48
N GLN A 285 -15.02 1.48 11.17
CA GLN A 285 -16.40 1.68 11.60
C GLN A 285 -16.47 1.99 13.10
N VAL A 286 -17.29 2.98 13.46
CA VAL A 286 -17.43 3.38 14.87
C VAL A 286 -18.37 2.41 15.57
N SER A 287 -17.95 1.86 16.71
CA SER A 287 -18.78 0.88 17.38
C SER A 287 -19.65 1.47 18.48
N LYS A 288 -19.46 2.72 18.88
CA LYS A 288 -20.25 3.30 19.95
C LYS A 288 -20.12 4.80 19.91
N PRO A 289 -21.03 5.53 20.55
CA PRO A 289 -20.93 6.99 20.54
C PRO A 289 -19.54 7.42 20.96
N PHE A 290 -19.03 8.44 20.28
CA PHE A 290 -17.67 8.91 20.50
C PHE A 290 -17.52 10.34 19.99
N ILE A 291 -16.54 11.07 20.54
CA ILE A 291 -16.33 12.48 20.19
C ILE A 291 -14.84 12.76 20.08
N PHE A 292 -14.45 13.36 18.96
CA PHE A 292 -13.14 13.99 18.77
C PHE A 292 -13.40 15.48 18.58
N ASN A 293 -12.56 16.29 19.24
CA ASN A 293 -12.70 17.74 19.39
C ASN A 293 -14.12 18.01 19.91
N ASN A 294 -15.00 18.55 19.07
CA ASN A 294 -16.39 18.59 19.49
C ASN A 294 -17.25 18.00 18.40
N THR A 295 -16.70 17.09 17.59
CA THR A 295 -17.45 16.39 16.54
C THR A 295 -17.95 15.04 17.06
N GLU A 296 -19.27 14.89 17.09
CA GLU A 296 -19.89 13.70 17.65
CA GLU A 296 -19.89 13.70 17.66
C GLU A 296 -20.05 12.62 16.59
N LEU A 297 -19.66 11.37 16.94
CA LEU A 297 -19.79 10.22 16.05
C LEU A 297 -20.75 9.26 16.72
N GLN A 298 -21.56 8.58 15.90
N GLN A 298 -21.56 8.59 15.90
CA GLN A 298 -22.49 7.56 16.38
CA GLN A 298 -22.47 7.55 16.33
C GLN A 298 -22.03 6.18 15.93
C GLN A 298 -21.90 6.17 16.03
N ALA A 299 -22.47 5.17 16.68
CA ALA A 299 -22.20 3.79 16.31
C ALA A 299 -22.73 3.56 14.90
N GLY A 300 -21.96 2.87 14.09
CA GLY A 300 -22.31 2.66 12.71
C GLY A 300 -21.66 3.64 11.76
N ASP A 301 -21.26 4.81 12.25
CA ASP A 301 -20.59 5.78 11.40
C ASP A 301 -19.27 5.23 10.89
N THR A 302 -18.77 5.83 9.80
CA THR A 302 -17.51 5.46 9.19
C THR A 302 -16.52 6.60 9.36
N VAL A 303 -15.32 6.29 9.84
CA VAL A 303 -14.24 7.25 9.89
C VAL A 303 -13.18 6.79 8.90
N ILE A 304 -12.51 7.74 8.26
CA ILE A 304 -11.49 7.45 7.26
C ILE A 304 -10.25 8.23 7.66
N CYS A 305 -9.21 7.50 8.05
CA CYS A 305 -7.93 8.08 8.44
C CYS A 305 -7.19 8.55 7.19
N MET A 306 -6.66 9.78 7.23
CA MET A 306 -5.94 10.39 6.11
C MET A 306 -4.47 10.27 6.49
N ILE A 307 -3.87 9.16 6.07
CA ILE A 307 -2.47 8.84 6.36
C ILE A 307 -1.52 9.93 5.88
N GLY A 308 -1.76 10.45 4.68
CA GLY A 308 -0.87 11.48 4.16
C GLY A 308 -0.94 12.75 4.98
N SER A 309 -2.15 13.15 5.36
CA SER A 309 -2.35 14.31 6.23
C SER A 309 -1.68 14.10 7.59
N ALA A 310 -1.96 12.95 8.20
CA ALA A 310 -1.34 12.67 9.50
C ALA A 310 0.18 12.73 9.45
N ASN A 311 0.75 12.22 8.36
CA ASN A 311 2.20 12.11 8.20
C ASN A 311 2.85 13.46 7.89
N ARG A 312 2.03 14.48 7.63
CA ARG A 312 2.50 15.85 7.49
C ARG A 312 1.96 16.77 8.59
N ASP A 313 1.50 16.19 9.67
CA ASP A 313 1.01 16.98 10.77
C ASP A 313 2.15 17.71 11.45
N PRO A 314 2.12 19.04 11.51
CA PRO A 314 3.22 19.78 12.18
C PRO A 314 3.30 19.49 13.67
N GLU A 315 2.27 18.90 14.28
CA GLU A 315 2.42 18.46 15.67
C GLU A 315 3.30 17.22 15.77
N ALA A 316 3.43 16.45 14.69
CA ALA A 316 4.24 15.23 14.73
C ALA A 316 5.61 15.40 14.09
N TYR A 317 5.76 16.32 13.15
CA TYR A 317 7.02 16.53 12.44
C TYR A 317 7.29 18.03 12.30
N SER A 318 8.52 18.43 12.56
CA SER A 318 8.93 19.78 12.18
C SER A 318 9.12 19.82 10.66
N ASN A 319 8.80 20.99 10.07
CA ASN A 319 8.78 21.21 8.63
C ASN A 319 8.19 19.98 7.92
N PRO A 320 6.94 19.61 8.25
CA PRO A 320 6.40 18.36 7.71
C PRO A 320 6.28 18.30 6.21
N ASP A 321 6.15 19.44 5.51
CA ASP A 321 5.94 19.43 4.07
C ASP A 321 7.25 19.51 3.29
N GLU A 322 8.36 19.14 3.92
CA GLU A 322 9.69 19.12 3.29
CA GLU A 322 9.67 19.12 3.27
C GLU A 322 10.22 17.69 3.29
N PHE A 323 10.81 17.29 2.18
CA PHE A 323 11.41 15.97 2.07
C PHE A 323 12.83 16.04 2.62
N ASN A 324 13.13 15.27 3.67
CA ASN A 324 14.45 15.31 4.30
C ASN A 324 14.79 13.92 4.82
N ILE A 325 15.68 13.21 4.10
CA ILE A 325 16.02 11.85 4.51
C ILE A 325 16.80 11.81 5.81
N HIS A 326 17.22 12.95 6.34
CA HIS A 326 18.06 12.98 7.53
C HIS A 326 17.26 13.28 8.79
N ARG A 327 15.94 13.13 8.76
CA ARG A 327 15.15 13.31 9.97
C ARG A 327 15.45 12.21 11.00
N SER A 328 15.16 12.51 12.26
CA SER A 328 15.39 11.57 13.35
C SER A 328 14.80 12.14 14.62
N SER A 329 14.59 11.27 15.61
CA SER A 329 14.21 11.69 16.95
C SER A 329 15.42 11.97 17.82
N ASP A 330 16.61 12.07 17.22
CA ASP A 330 17.85 12.31 17.96
C ASP A 330 18.69 13.37 17.25
N THR A 336 13.67 18.96 15.88
CA THR A 336 12.94 19.36 17.06
C THR A 336 11.67 18.52 17.27
N SER A 337 11.17 17.88 16.22
CA SER A 337 9.98 17.05 16.35
C SER A 337 9.97 15.98 15.27
N HIS A 338 9.94 14.71 15.70
CA HIS A 338 9.88 13.57 14.82
C HIS A 338 9.01 12.51 15.47
N SER A 339 8.24 11.78 14.66
CA SER A 339 7.39 10.72 15.15
C SER A 339 7.49 9.51 14.23
N GLN A 340 6.95 8.40 14.68
CA GLN A 340 6.84 7.22 13.85
C GLN A 340 5.73 7.43 12.82
N ASN A 341 6.04 7.26 11.52
CA ASN A 341 5.04 7.57 10.51
C ASN A 341 4.00 6.46 10.50
N LEU A 342 2.84 6.79 9.94
CA LEU A 342 1.69 5.90 9.94
C LEU A 342 1.46 5.27 8.57
N SER A 343 2.49 5.26 7.73
CA SER A 343 2.32 4.79 6.36
C SER A 343 2.07 3.30 6.25
N PHE A 344 2.49 2.51 7.25
CA PHE A 344 2.12 1.10 7.38
C PHE A 344 0.99 0.91 8.39
N GLY A 345 0.33 1.99 8.80
CA GLY A 345 -0.65 1.81 9.86
C GLY A 345 0.01 1.57 11.22
N THR A 346 -0.83 1.11 12.15
CA THR A 346 -0.37 0.92 13.52
C THR A 346 -1.42 0.12 14.27
N GLY A 347 -0.99 -0.45 15.39
CA GLY A 347 -1.88 -1.31 16.15
C GLY A 347 -2.08 -2.68 15.51
N VAL A 348 -3.26 -3.26 15.77
CA VAL A 348 -3.54 -4.66 15.45
C VAL A 348 -3.27 -4.93 13.97
N HIS A 349 -3.71 -4.05 13.09
CA HIS A 349 -3.69 -4.36 11.65
C HIS A 349 -2.51 -3.72 10.93
N THR A 350 -1.47 -3.39 11.68
CA THR A 350 -0.27 -2.86 11.07
C THR A 350 0.23 -3.78 9.97
N CYS A 351 0.75 -3.18 8.92
CA CYS A 351 1.05 -3.92 7.71
C CYS A 351 1.98 -5.09 7.98
N VAL A 352 1.51 -6.31 7.73
CA VAL A 352 2.34 -7.49 7.94
C VAL A 352 3.55 -7.52 7.01
N GLY A 353 3.44 -6.84 5.86
CA GLY A 353 4.49 -6.79 4.87
C GLY A 353 5.41 -5.62 5.04
N ALA A 354 5.43 -4.96 6.20
CA ALA A 354 6.22 -3.74 6.32
C ALA A 354 7.72 -4.01 6.22
N SER A 355 8.25 -4.94 7.02
CA SER A 355 9.68 -5.20 6.94
C SER A 355 10.11 -5.71 5.57
N PHE A 356 9.34 -6.65 4.99
CA PHE A 356 9.66 -7.16 3.64
C PHE A 356 9.67 -6.02 2.62
N SER A 357 8.73 -5.08 2.73
CA SER A 357 8.65 -3.99 1.78
C SER A 357 9.94 -3.17 1.84
N LEU A 358 10.36 -2.82 3.04
CA LEU A 358 11.59 -2.03 3.17
C LEU A 358 12.80 -2.77 2.60
N ILE A 359 12.85 -4.08 2.81
CA ILE A 359 13.99 -4.86 2.31
C ILE A 359 13.98 -4.92 0.79
N GLN A 360 12.82 -5.26 0.20
CA GLN A 360 12.63 -5.29 -1.25
C GLN A 360 12.90 -3.93 -1.91
N LEU A 361 12.42 -2.83 -1.31
CA LEU A 361 12.63 -1.55 -1.95
C LEU A 361 14.09 -1.14 -1.86
N GLU A 362 14.76 -1.47 -0.75
CA GLU A 362 16.19 -1.16 -0.69
C GLU A 362 16.98 -1.95 -1.72
N MET A 363 16.73 -3.26 -1.81
CA MET A 363 17.34 -4.06 -2.86
C MET A 363 17.19 -3.43 -4.25
N VAL A 364 15.98 -3.02 -4.61
CA VAL A 364 15.77 -2.46 -5.94
C VAL A 364 16.50 -1.13 -6.11
N ALA A 365 16.37 -0.26 -5.12
CA ALA A 365 17.05 1.02 -5.23
C ALA A 365 18.54 0.85 -5.41
N ILE A 366 19.15 -0.05 -4.62
CA ILE A 366 20.59 -0.24 -4.70
C ILE A 366 20.99 -0.74 -6.09
N LEU A 367 20.18 -1.60 -6.70
CA LEU A 367 20.52 -2.12 -8.03
C LEU A 367 20.35 -1.05 -9.11
N LEU A 368 19.26 -0.28 -9.03
CA LEU A 368 19.10 0.82 -9.97
C LEU A 368 20.27 1.79 -9.87
N LEU A 369 20.68 2.14 -8.64
CA LEU A 369 21.80 3.05 -8.45
C LEU A 369 23.12 2.44 -8.93
N LYS A 370 23.28 1.12 -8.83
CA LYS A 370 24.52 0.49 -9.26
C LYS A 370 24.62 0.47 -10.77
N ARG A 371 23.53 0.10 -11.43
CA ARG A 371 23.56 -0.27 -12.83
C ARG A 371 23.24 0.87 -13.77
N LEU A 372 22.39 1.81 -13.36
CA LEU A 372 22.10 3.00 -14.14
C LEU A 372 23.03 4.13 -13.71
N LYS A 373 24.02 4.44 -14.54
CA LYS A 373 25.07 5.38 -14.15
C LYS A 373 24.68 6.81 -14.54
N ASN A 374 25.02 7.76 -13.66
CA ASN A 374 24.72 9.19 -13.84
C ASN A 374 23.25 9.41 -14.17
N ILE A 375 22.41 8.93 -13.25
CA ILE A 375 20.97 9.07 -13.41
C ILE A 375 20.65 10.54 -13.48
N LYS A 376 19.75 10.90 -14.41
CA LYS A 376 19.20 12.24 -14.51
C LYS A 376 17.68 12.15 -14.56
N LEU A 377 17.00 13.11 -13.96
CA LEU A 377 15.55 13.16 -14.04
C LEU A 377 15.10 13.68 -15.40
N LYS A 378 14.08 13.05 -15.96
CA LYS A 378 13.43 13.55 -17.18
C LYS A 378 12.02 14.07 -16.92
N THR A 379 11.22 13.36 -16.12
CA THR A 379 9.95 13.90 -15.68
C THR A 379 10.20 14.98 -14.61
N MET A 380 10.29 16.24 -15.04
CA MET A 380 10.68 17.31 -14.14
C MET A 380 9.56 17.62 -13.16
N GLU A 381 8.32 17.39 -13.55
CA GLU A 381 7.17 17.62 -12.68
CA GLU A 381 7.18 17.61 -12.66
C GLU A 381 6.24 16.43 -12.83
N ILE A 382 5.92 15.79 -11.72
CA ILE A 382 5.03 14.63 -11.77
C ILE A 382 3.57 15.07 -11.80
N THR A 383 2.71 14.16 -12.25
CA THR A 383 1.26 14.24 -12.08
C THR A 383 0.84 13.04 -11.25
N GLU A 384 0.16 13.28 -10.14
CA GLU A 384 -0.26 12.23 -9.23
C GLU A 384 -1.75 11.97 -9.39
N HIS A 385 -2.14 10.73 -9.17
CA HIS A 385 -3.50 10.26 -9.35
CA HIS A 385 -3.52 10.29 -9.34
C HIS A 385 -3.83 9.26 -8.26
N GLY A 386 -5.08 9.30 -7.82
CA GLY A 386 -5.62 8.42 -6.81
C GLY A 386 -5.78 9.19 -5.51
N ILE A 387 -6.88 8.96 -4.81
CA ILE A 387 -7.03 9.51 -3.46
C ILE A 387 -6.93 8.47 -2.38
N TYR A 388 -7.17 7.19 -2.70
CA TYR A 388 -7.13 6.09 -1.75
C TYR A 388 -5.72 5.48 -1.76
N THR A 389 -5.28 5.01 -2.93
CA THR A 389 -3.88 4.75 -3.22
C THR A 389 -3.48 5.76 -4.27
N ARG A 390 -2.21 6.17 -4.26
CA ARG A 390 -1.86 7.41 -4.94
C ARG A 390 -0.41 7.31 -5.34
N GLY A 391 -0.10 7.71 -6.59
CA GLY A 391 1.26 7.77 -7.09
C GLY A 391 1.37 8.53 -8.40
N PRO A 392 2.60 8.76 -8.87
CA PRO A 392 2.80 9.46 -10.15
C PRO A 392 2.29 8.60 -11.32
N LYS A 393 1.80 9.29 -12.34
CA LYS A 393 1.45 8.63 -13.59
C LYS A 393 2.67 8.08 -14.30
N SER A 394 3.79 8.80 -14.26
CA SER A 394 5.03 8.50 -14.97
C SER A 394 6.18 9.15 -14.22
N MET A 395 7.33 8.51 -14.25
CA MET A 395 8.57 8.99 -13.61
C MET A 395 9.78 8.46 -14.36
N VAL A 396 10.13 9.18 -15.46
CA VAL A 396 11.15 8.72 -16.40
C VAL A 396 12.49 9.28 -15.96
N ILE A 397 13.51 8.44 -15.94
CA ILE A 397 14.89 8.87 -15.73
C ILE A 397 15.75 8.46 -16.92
N SER A 398 16.80 9.24 -17.16
CA SER A 398 17.82 8.89 -18.14
C SER A 398 19.12 8.48 -17.44
N PHE A 399 19.98 7.80 -18.18
CA PHE A 399 21.21 7.30 -17.61
C PHE A 399 22.16 7.00 -18.76
N ASP A 400 23.43 6.76 -18.43
CA ASP A 400 24.45 6.51 -19.44
C ASP A 400 24.16 5.22 -20.21
CHA HEM B . -1.94 -3.59 6.07
CHB HEM B . 0.48 -0.08 3.78
CHC HEM B . 3.13 -3.53 1.61
CHD HEM B . 0.12 -6.93 3.26
C1A HEM B . -1.51 -2.36 5.71
C2A HEM B . -1.93 -1.09 6.27
C3A HEM B . -1.26 -0.12 5.62
C4A HEM B . -0.39 -0.74 4.64
CMA HEM B . -1.34 1.40 5.78
CAA HEM B . -2.98 -0.97 7.41
CBA HEM B . -4.39 -1.09 6.84
CGA HEM B . -5.39 -1.03 7.95
O1A HEM B . -6.57 -1.33 7.65
O2A HEM B . -5.03 -0.77 9.14
C1B HEM B . 1.45 -0.73 3.02
C2B HEM B . 2.58 -0.07 2.37
C3B HEM B . 3.28 -1.02 1.73
C4B HEM B . 2.67 -2.31 2.03
CMB HEM B . 2.82 1.46 2.30
CAB HEM B . 4.55 -0.88 0.91
CBB HEM B . 5.36 0.16 0.89
C1C HEM B . 2.55 -4.76 1.85
C2C HEM B . 3.07 -6.06 1.39
C3C HEM B . 2.22 -7.01 1.84
C4C HEM B . 1.17 -6.33 2.61
CMC HEM B . 4.33 -6.19 0.50
CAC HEM B . 2.25 -8.55 1.63
CBC HEM B . 3.38 -9.15 1.34
C1D HEM B . -0.69 -6.31 4.19
C2D HEM B . -1.71 -6.97 4.98
C3D HEM B . -2.28 -6.05 5.76
C4D HEM B . -1.64 -4.78 5.48
CMD HEM B . -2.06 -8.48 4.94
CAD HEM B . -3.40 -6.35 6.79
CBD HEM B . -2.75 -6.56 8.18
CGD HEM B . -3.75 -6.93 9.23
O1D HEM B . -3.32 -7.32 10.34
O2D HEM B . -4.98 -6.84 9.01
NA HEM B . -0.55 -2.12 4.76
NB HEM B . 1.58 -2.11 2.84
NC HEM B . 1.44 -4.98 2.62
ND HEM B . -0.65 -4.95 4.51
FE HEM B . 0.49 -3.55 3.67
HHB HEM B . 0.39 0.89 3.70
HHC HEM B . 3.96 -3.53 1.10
HHD HEM B . -0.08 -7.87 3.05
HMA HEM B . -2.25 1.70 5.57
HMAA HEM B . -0.72 1.83 5.16
HMAB HEM B . -1.12 1.66 6.69
HAA HEM B . -2.88 -0.12 7.85
HAAA HEM B . -2.84 -1.68 8.05
HBA HEM B . -4.48 -1.93 6.36
HBAA HEM B . -4.54 -0.35 6.23
HMB HEM B . 1.97 1.91 2.34
HMBA HEM B . 3.27 1.67 1.47
HMBB HEM B . 3.37 1.73 3.05
HAB HEM B . 4.80 -1.63 0.34
HBB HEM B . 6.15 0.17 0.33
HBBA HEM B . 5.15 0.94 1.44
HMC HEM B . 4.35 -5.47 -0.14
HMCA HEM B . 4.31 -7.04 0.03
HMCB HEM B . 5.13 -6.15 1.06
HAC HEM B . 1.45 -9.06 1.73
HBC HEM B . 3.41 -10.11 1.22
HBCA HEM B . 4.20 -8.64 1.25
HMD HEM B . -2.68 -8.68 5.67
HMDA HEM B . -1.24 -9.00 5.05
HMDB HEM B . -2.47 -8.69 4.08
HAD HEM B . -3.88 -7.15 6.53
HADA HEM B . -4.02 -5.60 6.83
HBD HEM B . -2.31 -5.74 8.44
HBDA HEM B . -2.10 -7.28 8.11
HHA HEM B . -2.55 -3.62 6.83
N NO3 C . -20.61 9.85 23.47
O1 NO3 C . -21.12 9.10 24.38
O2 NO3 C . -19.37 9.85 23.24
O3 NO3 C . -21.34 10.63 22.77
C1 GOL D . 0.25 13.73 -1.96
C1 GOL D . 1.30 13.20 -0.23
O1 GOL D . 0.56 14.30 -3.22
O1 GOL D . 1.02 12.59 1.02
C2 GOL D . 1.28 12.69 -1.55
C2 GOL D . 0.68 12.42 -1.37
O2 GOL D . 1.11 12.33 -0.17
O2 GOL D . 0.72 13.22 -2.56
C3 GOL D . 1.29 11.47 -2.45
C3 GOL D . 1.33 11.08 -1.61
O3 GOL D . 0.83 10.29 -1.79
O3 GOL D . 0.53 10.22 -2.43
H31 GOL D . 2.31 11.31 -2.80
H31 GOL D . 1.49 10.59 -0.65
H32 GOL D . 0.66 11.67 -3.31
H32 GOL D . 2.30 11.22 -2.09
HO3 GOL D . 0.13 9.89 -2.32
HO3 GOL D . 1.08 9.87 -3.14
N NO3 E . -2.03 21.96 11.32
O1 NO3 E . -1.90 21.99 10.03
O2 NO3 E . -2.36 20.92 11.97
O3 NO3 E . -1.86 23.01 12.03
N NO3 F . -24.90 10.66 10.26
O1 NO3 F . -24.73 9.96 11.33
O2 NO3 F . -25.32 10.09 9.20
O3 NO3 F . -24.68 11.92 10.23
C1 LBJ G . -5.43 -2.22 -4.10
C10 LBJ G . -1.77 -2.64 0.39
C11 LBJ G . -0.92 -2.92 1.60
C12 LBJ G . -2.65 -2.42 3.21
C2 LBJ G . -5.69 -1.34 -1.89
C3 LBJ G . -6.73 -1.01 -1.00
C4 LBJ G . -6.57 -1.10 0.37
C5 LBJ G . -5.32 -1.50 0.84
C6 LBJ G . -3.54 -2.09 2.06
C7 LBJ G . -3.16 -2.20 0.77
C8 LBJ G . -4.27 -1.83 -0.04
C9 LBJ G . -4.46 -1.74 -1.43
N1 LBJ G . -4.85 -1.68 2.13
N2 LBJ G . -1.70 -3.42 2.74
O1 LBJ G . -5.96 -1.23 -3.23
H1 LBJ G . -5.54 -1.92 -5.02
H2 LBJ G . -5.92 -3.05 -3.97
H3 LBJ G . -4.50 -2.37 -3.91
H9 LBJ G . -1.82 -3.43 -0.17
H8 LBJ G . -1.35 -1.92 -0.14
H10 LBJ G . -0.46 -2.10 1.87
H11 LBJ G . -0.23 -3.59 1.36
H14 LBJ G . -2.16 -1.63 3.51
H13 LBJ G . -3.15 -2.78 3.96
H4 LBJ G . -7.56 -0.74 -1.35
H5 LBJ G . -7.27 -0.89 0.96
H7 LBJ G . -3.76 -1.96 -2.03
H6 LBJ G . -5.30 -1.55 2.86
H12 LBJ G . -2.10 -4.19 2.49
#